data_8T62
#
_entry.id   8T62
#
_entity_poly.entity_id   1
_entity_poly.type   'polypeptide(L)'
_entity_poly.pdbx_seq_one_letter_code
;TMIEDPEAGHFHTSSA
;
_entity_poly.pdbx_strand_id   A
#
# COMPACT_ATOMS: atom_id res chain seq x y z
N THR A 1 -6.88 -5.66 -3.51
CA THR A 1 -6.53 -4.26 -3.74
C THR A 1 -5.35 -3.83 -2.88
N MET A 2 -4.30 -3.34 -3.52
CA MET A 2 -3.14 -2.83 -2.81
C MET A 2 -3.10 -1.31 -2.81
N ILE A 3 -2.52 -0.74 -1.76
CA ILE A 3 -2.30 0.70 -1.69
C ILE A 3 -0.83 1.03 -1.54
N GLU A 4 -0.35 1.97 -2.34
CA GLU A 4 1.04 2.41 -2.28
C GLU A 4 1.35 3.02 -0.92
N ASP A 5 2.45 2.57 -0.31
CA ASP A 5 2.90 3.11 0.97
C ASP A 5 3.53 4.49 0.79
N PRO A 6 3.28 5.37 1.75
CA PRO A 6 3.93 6.68 1.77
C PRO A 6 5.43 6.54 1.52
N GLU A 7 6.01 5.44 1.98
CA GLU A 7 7.41 5.13 1.70
C GLU A 7 7.55 4.42 0.36
N ALA A 8 8.09 5.14 -0.63
CA ALA A 8 8.10 4.65 -2.00
C ALA A 8 8.77 3.29 -2.11
N GLY A 9 8.19 2.40 -2.90
CA GLY A 9 8.76 1.08 -3.13
C GLY A 9 8.05 0.03 -2.28
N HIS A 10 7.31 0.48 -1.28
CA HIS A 10 6.57 -0.42 -0.39
C HIS A 10 5.08 -0.34 -0.64
N PHE A 11 4.39 -1.45 -0.42
CA PHE A 11 2.94 -1.50 -0.57
C PHE A 11 2.28 -2.21 0.61
N HIS A 12 1.00 -1.94 0.81
CA HIS A 12 0.21 -2.66 1.81
C HIS A 12 -1.19 -2.95 1.28
N THR A 13 -1.86 -3.90 1.93
CA THR A 13 -3.20 -4.31 1.50
C THR A 13 -4.26 -3.33 2.00
N SER A 14 -5.19 -2.98 1.12
CA SER A 14 -6.27 -2.07 1.47
C SER A 14 -7.13 -2.65 2.59
N SER A 15 -7.63 -1.77 3.46
CA SER A 15 -8.57 -2.17 4.49
C SER A 15 -9.97 -2.32 3.92
N ALA A 16 -10.15 -1.91 2.67
CA ALA A 16 -11.45 -1.97 2.02
C ALA A 16 -11.31 -2.39 0.56
N THR A 1 -7.28 -4.81 -3.25
CA THR A 1 -6.93 -3.40 -3.21
C THR A 1 -5.60 -3.18 -2.50
N MET A 2 -4.66 -2.55 -3.18
CA MET A 2 -3.37 -2.22 -2.58
C MET A 2 -3.22 -0.72 -2.39
N ILE A 3 -2.42 -0.33 -1.41
CA ILE A 3 -2.16 1.09 -1.14
C ILE A 3 -0.70 1.43 -1.38
N GLU A 4 -0.46 2.48 -2.16
CA GLU A 4 0.90 2.93 -2.45
C GLU A 4 1.57 3.49 -1.21
N ASP A 5 2.73 2.94 -0.87
CA ASP A 5 3.50 3.39 0.29
C ASP A 5 4.06 4.79 0.06
N PRO A 6 3.87 5.66 1.05
CA PRO A 6 4.25 7.07 0.91
C PRO A 6 5.76 7.23 0.90
N GLU A 7 6.46 6.19 1.34
CA GLU A 7 7.91 6.21 1.38
C GLU A 7 8.51 5.37 0.25
N ALA A 8 7.67 5.02 -0.72
CA ALA A 8 8.11 4.23 -1.87
C ALA A 8 8.64 2.87 -1.43
N GLY A 9 8.07 2.33 -0.36
CA GLY A 9 8.36 0.97 0.06
C GLY A 9 7.36 -0.02 -0.53
N HIS A 10 7.24 -1.18 0.11
CA HIS A 10 6.34 -2.22 -0.37
C HIS A 10 4.88 -1.79 -0.25
N PHE A 11 4.07 -2.18 -1.22
CA PHE A 11 2.65 -1.85 -1.22
C PHE A 11 1.95 -2.48 -0.02
N HIS A 12 0.93 -1.79 0.49
CA HIS A 12 0.16 -2.29 1.62
C HIS A 12 -1.17 -2.87 1.16
N THR A 13 -1.69 -3.83 1.91
CA THR A 13 -2.98 -4.45 1.59
C THR A 13 -4.12 -3.76 2.34
N SER A 14 -5.14 -3.36 1.60
CA SER A 14 -6.33 -2.75 2.20
C SER A 14 -7.37 -3.80 2.56
N SER A 15 -8.17 -3.51 3.57
CA SER A 15 -9.32 -4.35 3.90
C SER A 15 -10.46 -4.11 2.93
N ALA A 16 -10.34 -3.07 2.11
CA ALA A 16 -11.37 -2.74 1.13
C ALA A 16 -10.75 -2.17 -0.14
N THR A 1 -7.01 -5.01 -3.50
CA THR A 1 -6.57 -3.62 -3.66
C THR A 1 -5.32 -3.34 -2.84
N MET A 2 -4.29 -2.84 -3.50
CA MET A 2 -3.05 -2.46 -2.83
C MET A 2 -2.95 -0.94 -2.71
N ILE A 3 -2.28 -0.48 -1.64
CA ILE A 3 -2.16 0.94 -1.38
C ILE A 3 -0.71 1.39 -1.47
N GLU A 4 -0.47 2.43 -2.27
CA GLU A 4 0.88 2.94 -2.48
C GLU A 4 1.51 3.37 -1.16
N ASP A 5 2.75 2.95 -0.94
CA ASP A 5 3.47 3.30 0.27
C ASP A 5 4.04 4.72 0.17
N PRO A 6 3.69 5.56 1.14
CA PRO A 6 4.15 6.94 1.16
C PRO A 6 5.67 7.02 1.02
N GLU A 7 6.35 6.01 1.55
CA GLU A 7 7.81 6.01 1.59
C GLU A 7 8.39 5.25 0.40
N ALA A 8 7.53 4.92 -0.57
CA ALA A 8 7.97 4.26 -1.79
C ALA A 8 8.57 2.89 -1.50
N GLY A 9 8.06 2.25 -0.46
CA GLY A 9 8.39 0.85 -0.20
C GLY A 9 7.32 -0.08 -0.75
N HIS A 10 7.21 -1.27 -0.16
CA HIS A 10 6.21 -2.25 -0.58
C HIS A 10 4.80 -1.75 -0.29
N PHE A 11 3.89 -1.97 -1.23
CA PHE A 11 2.52 -1.50 -1.09
C PHE A 11 1.79 -2.24 0.03
N HIS A 12 0.77 -1.60 0.59
CA HIS A 12 0.01 -2.19 1.69
C HIS A 12 -1.30 -2.79 1.19
N THR A 13 -1.78 -3.81 1.89
CA THR A 13 -3.05 -4.44 1.57
C THR A 13 -4.21 -3.67 2.19
N SER A 14 -5.17 -3.28 1.35
CA SER A 14 -6.34 -2.55 1.81
C SER A 14 -7.19 -3.38 2.75
N SER A 15 -7.80 -2.73 3.74
CA SER A 15 -8.76 -3.38 4.61
C SER A 15 -10.11 -3.56 3.93
N ALA A 16 -10.25 -2.92 2.77
CA ALA A 16 -11.51 -2.98 2.01
C ALA A 16 -11.25 -3.15 0.53
N THR A 1 -7.22 -4.12 -2.94
CA THR A 1 -6.76 -2.76 -3.17
C THR A 1 -5.49 -2.46 -2.40
N MET A 2 -4.39 -2.31 -3.12
CA MET A 2 -3.10 -2.00 -2.50
C MET A 2 -2.93 -0.51 -2.31
N ILE A 3 -2.37 -0.13 -1.16
CA ILE A 3 -2.22 1.29 -0.82
C ILE A 3 -0.79 1.76 -1.06
N GLU A 4 -0.64 2.78 -1.91
CA GLU A 4 0.68 3.26 -2.30
C GLU A 4 1.49 3.66 -1.07
N ASP A 5 2.75 3.22 -1.04
CA ASP A 5 3.65 3.56 0.05
C ASP A 5 4.34 4.90 -0.20
N PRO A 6 4.09 5.87 0.66
CA PRO A 6 4.69 7.19 0.53
C PRO A 6 6.21 7.08 0.42
N GLU A 7 6.78 6.05 1.03
CA GLU A 7 8.23 5.88 1.06
C GLU A 7 8.71 5.01 -0.08
N ALA A 8 7.82 4.71 -1.01
CA ALA A 8 8.17 3.91 -2.19
C ALA A 8 8.65 2.53 -1.79
N GLY A 9 8.07 1.98 -0.73
CA GLY A 9 8.32 0.60 -0.35
C GLY A 9 7.17 -0.30 -0.81
N HIS A 10 7.00 -1.43 -0.12
CA HIS A 10 5.91 -2.35 -0.42
C HIS A 10 4.57 -1.75 -0.03
N PHE A 11 3.60 -1.85 -0.93
CA PHE A 11 2.28 -1.27 -0.71
C PHE A 11 1.55 -1.99 0.42
N HIS A 12 0.71 -1.24 1.14
CA HIS A 12 -0.06 -1.81 2.24
C HIS A 12 -1.29 -2.53 1.74
N THR A 13 -1.63 -3.65 2.38
CA THR A 13 -2.82 -4.40 2.04
C THR A 13 -4.07 -3.75 2.64
N SER A 14 -5.24 -4.23 2.21
CA SER A 14 -6.50 -3.72 2.73
C SER A 14 -7.60 -4.77 2.60
N SER A 15 -8.81 -4.42 3.04
CA SER A 15 -9.96 -5.30 2.94
C SER A 15 -10.83 -4.93 1.74
N ALA A 16 -10.31 -4.07 0.88
CA ALA A 16 -11.06 -3.59 -0.27
C ALA A 16 -10.53 -4.19 -1.56
N THR A 1 -6.85 -5.23 -3.70
CA THR A 1 -6.56 -3.80 -3.73
C THR A 1 -5.33 -3.48 -2.88
N MET A 2 -4.34 -2.85 -3.50
CA MET A 2 -3.13 -2.45 -2.79
C MET A 2 -3.07 -0.93 -2.63
N ILE A 3 -2.38 -0.48 -1.59
CA ILE A 3 -2.25 0.95 -1.31
C ILE A 3 -0.79 1.39 -1.43
N GLU A 4 -0.57 2.43 -2.24
CA GLU A 4 0.78 2.94 -2.46
C GLU A 4 1.44 3.36 -1.16
N ASP A 5 2.66 2.91 -0.94
CA ASP A 5 3.43 3.28 0.23
C ASP A 5 4.00 4.69 0.09
N PRO A 6 3.74 5.54 1.09
CA PRO A 6 4.16 6.93 1.03
C PRO A 6 5.67 7.06 1.14
N GLU A 7 6.33 5.99 1.59
CA GLU A 7 7.78 5.97 1.71
C GLU A 7 8.42 5.26 0.53
N ALA A 8 7.61 4.97 -0.49
CA ALA A 8 8.11 4.33 -1.71
C ALA A 8 8.67 2.95 -1.41
N GLY A 9 8.10 2.27 -0.42
CA GLY A 9 8.41 0.88 -0.16
C GLY A 9 7.35 -0.04 -0.75
N HIS A 10 7.24 -1.24 -0.18
CA HIS A 10 6.24 -2.21 -0.62
C HIS A 10 4.83 -1.72 -0.32
N PHE A 11 3.92 -1.94 -1.27
CA PHE A 11 2.54 -1.50 -1.12
C PHE A 11 1.83 -2.26 -0.02
N HIS A 12 0.80 -1.65 0.55
CA HIS A 12 0.04 -2.27 1.64
C HIS A 12 -1.27 -2.86 1.13
N THR A 13 -1.75 -3.88 1.84
CA THR A 13 -3.04 -4.49 1.52
C THR A 13 -4.18 -3.68 2.13
N SER A 14 -5.15 -3.31 1.30
CA SER A 14 -6.29 -2.53 1.75
C SER A 14 -7.14 -3.32 2.74
N SER A 15 -7.71 -2.62 3.72
CA SER A 15 -8.65 -3.22 4.65
C SER A 15 -10.04 -3.36 4.01
N ALA A 16 -10.21 -2.76 2.83
CA ALA A 16 -11.49 -2.79 2.14
C ALA A 16 -11.29 -3.05 0.65
N THR A 1 -6.71 -4.94 -4.50
CA THR A 1 -6.37 -3.53 -4.42
C THR A 1 -5.23 -3.29 -3.44
N MET A 2 -4.14 -2.71 -3.94
CA MET A 2 -3.01 -2.34 -3.09
C MET A 2 -2.94 -0.84 -2.90
N ILE A 3 -2.42 -0.41 -1.75
CA ILE A 3 -2.19 1.00 -1.48
C ILE A 3 -0.71 1.31 -1.33
N GLU A 4 -0.23 2.26 -2.11
CA GLU A 4 1.20 2.60 -2.10
C GLU A 4 1.55 3.43 -0.88
N ASP A 5 2.57 2.99 -0.15
CA ASP A 5 3.09 3.75 0.99
C ASP A 5 3.89 4.96 0.52
N PRO A 6 3.74 6.06 1.25
CA PRO A 6 4.55 7.26 1.00
C PRO A 6 6.01 6.89 0.82
N GLU A 7 6.46 5.86 1.53
CA GLU A 7 7.81 5.34 1.36
C GLU A 7 7.88 4.35 0.19
N ALA A 8 8.51 4.77 -0.89
CA ALA A 8 8.47 4.01 -2.14
C ALA A 8 8.99 2.60 -1.94
N GLY A 9 8.34 1.63 -2.57
CA GLY A 9 8.77 0.24 -2.51
C GLY A 9 7.93 -0.55 -1.53
N HIS A 10 7.21 0.15 -0.67
CA HIS A 10 6.35 -0.49 0.33
C HIS A 10 4.88 -0.31 -0.05
N PHE A 11 4.10 -1.39 0.10
CA PHE A 11 2.68 -1.37 -0.24
C PHE A 11 1.84 -2.00 0.86
N HIS A 12 0.58 -1.62 0.92
CA HIS A 12 -0.36 -2.21 1.88
C HIS A 12 -1.56 -2.81 1.17
N THR A 13 -2.18 -3.80 1.80
CA THR A 13 -3.43 -4.36 1.29
C THR A 13 -4.63 -3.51 1.71
N SER A 14 -5.76 -3.74 1.06
CA SER A 14 -7.01 -3.08 1.45
C SER A 14 -7.46 -3.53 2.84
N SER A 15 -8.08 -2.61 3.57
CA SER A 15 -8.70 -2.94 4.85
C SER A 15 -10.05 -3.62 4.65
N ALA A 16 -10.52 -3.63 3.41
CA ALA A 16 -11.81 -4.22 3.09
C ALA A 16 -11.76 -5.00 1.78
N THR A 1 -7.02 -5.12 -3.77
CA THR A 1 -6.70 -3.69 -3.77
C THR A 1 -5.47 -3.41 -2.90
N MET A 2 -4.47 -2.78 -3.50
CA MET A 2 -3.25 -2.41 -2.78
C MET A 2 -3.16 -0.91 -2.58
N ILE A 3 -2.45 -0.49 -1.54
CA ILE A 3 -2.25 0.92 -1.26
C ILE A 3 -0.77 1.30 -1.38
N GLU A 4 -0.49 2.31 -2.21
CA GLU A 4 0.88 2.76 -2.42
C GLU A 4 1.50 3.27 -1.13
N ASP A 5 2.68 2.78 -0.81
CA ASP A 5 3.41 3.23 0.38
C ASP A 5 3.91 4.66 0.22
N PRO A 6 3.67 5.48 1.22
CA PRO A 6 3.98 6.90 1.14
C PRO A 6 5.49 7.13 1.14
N GLU A 7 6.24 6.11 1.55
CA GLU A 7 7.70 6.19 1.58
C GLU A 7 8.32 5.42 0.43
N ALA A 8 7.50 5.08 -0.56
CA ALA A 8 7.98 4.36 -1.73
C ALA A 8 8.54 3.00 -1.37
N GLY A 9 8.01 2.40 -0.32
CA GLY A 9 8.33 1.03 0.04
C GLY A 9 7.34 0.05 -0.57
N HIS A 10 7.24 -1.14 0.02
CA HIS A 10 6.36 -2.18 -0.48
C HIS A 10 4.90 -1.77 -0.32
N PHE A 11 4.08 -2.13 -1.31
CA PHE A 11 2.66 -1.81 -1.27
C PHE A 11 1.97 -2.51 -0.11
N HIS A 12 0.92 -1.87 0.42
CA HIS A 12 0.15 -2.44 1.52
C HIS A 12 -1.18 -3.00 1.02
N THR A 13 -1.70 -3.98 1.74
CA THR A 13 -3.02 -4.53 1.45
C THR A 13 -4.13 -3.66 2.05
N SER A 14 -5.08 -3.28 1.22
CA SER A 14 -6.19 -2.44 1.68
C SER A 14 -7.03 -3.17 2.72
N SER A 15 -7.55 -2.41 3.68
CA SER A 15 -8.50 -2.95 4.65
C SER A 15 -9.90 -3.05 4.06
N ALA A 16 -10.07 -2.48 2.87
CA ALA A 16 -11.37 -2.48 2.21
C ALA A 16 -11.24 -2.85 0.73
N THR A 1 -6.94 -5.19 -3.84
CA THR A 1 -6.22 -3.98 -4.19
C THR A 1 -5.18 -3.63 -3.14
N MET A 2 -4.16 -2.89 -3.55
CA MET A 2 -3.09 -2.49 -2.65
C MET A 2 -3.10 -0.99 -2.41
N ILE A 3 -2.60 -0.57 -1.25
CA ILE A 3 -2.39 0.84 -0.97
C ILE A 3 -0.90 1.18 -0.92
N GLU A 4 -0.51 2.19 -1.68
CA GLU A 4 0.90 2.58 -1.77
C GLU A 4 1.35 3.33 -0.53
N ASP A 5 2.46 2.87 0.06
CA ASP A 5 3.07 3.56 1.19
C ASP A 5 3.76 4.83 0.74
N PRO A 6 3.65 5.87 1.56
CA PRO A 6 4.40 7.11 1.33
C PRO A 6 5.84 6.83 0.96
N GLU A 7 6.40 5.76 1.55
CA GLU A 7 7.74 5.31 1.20
C GLU A 7 7.71 4.41 -0.03
N ALA A 8 8.21 4.93 -1.16
CA ALA A 8 8.05 4.26 -2.44
C ALA A 8 8.65 2.85 -2.39
N GLY A 9 7.96 1.91 -3.02
CA GLY A 9 8.44 0.54 -3.12
C GLY A 9 7.73 -0.36 -2.11
N HIS A 10 7.08 0.25 -1.13
CA HIS A 10 6.35 -0.49 -0.11
C HIS A 10 4.84 -0.34 -0.31
N PHE A 11 4.12 -1.46 -0.16
CA PHE A 11 2.67 -1.46 -0.33
C PHE A 11 1.98 -2.21 0.80
N HIS A 12 0.73 -1.86 1.05
CA HIS A 12 -0.08 -2.57 2.04
C HIS A 12 -1.37 -3.09 1.43
N THR A 13 -1.86 -4.21 1.96
CA THR A 13 -3.17 -4.74 1.57
C THR A 13 -4.28 -3.77 1.97
N SER A 14 -5.16 -3.46 1.02
CA SER A 14 -6.28 -2.56 1.28
C SER A 14 -7.22 -3.14 2.34
N SER A 15 -7.78 -2.26 3.16
CA SER A 15 -8.80 -2.66 4.12
C SER A 15 -10.16 -2.81 3.45
N ALA A 16 -10.23 -2.40 2.19
CA ALA A 16 -11.49 -2.46 1.45
C ALA A 16 -11.27 -3.01 0.04
N THR A 1 -6.70 -4.95 -4.51
CA THR A 1 -6.37 -3.53 -4.42
C THR A 1 -5.23 -3.29 -3.44
N MET A 2 -4.14 -2.71 -3.94
CA MET A 2 -3.01 -2.34 -3.09
C MET A 2 -2.94 -0.83 -2.89
N ILE A 3 -2.42 -0.41 -1.75
CA ILE A 3 -2.20 1.01 -1.48
C ILE A 3 -0.70 1.31 -1.32
N GLU A 4 -0.23 2.26 -2.11
CA GLU A 4 1.20 2.60 -2.10
C GLU A 4 1.55 3.43 -0.88
N ASP A 5 2.57 2.99 -0.15
CA ASP A 5 3.09 3.75 0.99
C ASP A 5 3.89 4.96 0.52
N PRO A 6 3.75 6.07 1.24
CA PRO A 6 4.55 7.26 1.00
C PRO A 6 6.02 6.89 0.81
N GLU A 7 6.47 5.87 1.53
CA GLU A 7 7.82 5.34 1.35
C GLU A 7 7.88 4.35 0.19
N ALA A 8 8.51 4.78 -0.89
CA ALA A 8 8.47 4.01 -2.14
C ALA A 8 8.99 2.60 -1.94
N GLY A 9 8.34 1.63 -2.57
CA GLY A 9 8.77 0.24 -2.51
C GLY A 9 7.93 -0.55 -1.53
N HIS A 10 7.21 0.15 -0.67
CA HIS A 10 6.35 -0.49 0.32
C HIS A 10 4.88 -0.32 -0.04
N PHE A 11 4.11 -1.39 0.11
CA PHE A 11 2.69 -1.37 -0.23
C PHE A 11 1.85 -2.00 0.86
N HIS A 12 0.58 -1.62 0.92
CA HIS A 12 -0.35 -2.22 1.89
C HIS A 12 -1.56 -2.81 1.17
N THR A 13 -2.18 -3.80 1.80
CA THR A 13 -3.43 -4.36 1.30
C THR A 13 -4.63 -3.51 1.71
N SER A 14 -5.77 -3.74 1.07
CA SER A 14 -7.01 -3.08 1.45
C SER A 14 -7.47 -3.53 2.83
N SER A 15 -8.08 -2.62 3.57
CA SER A 15 -8.71 -2.95 4.85
C SER A 15 -10.06 -3.63 4.64
N ALA A 16 -10.53 -3.63 3.40
CA ALA A 16 -11.82 -4.22 3.07
C ALA A 16 -11.76 -5.00 1.76
N THR A 1 -6.66 -4.29 -5.18
CA THR A 1 -5.89 -3.06 -5.32
C THR A 1 -5.02 -2.81 -4.10
N MET A 2 -3.72 -2.66 -4.33
CA MET A 2 -2.78 -2.38 -3.26
C MET A 2 -2.70 -0.90 -2.97
N ILE A 3 -2.41 -0.55 -1.71
CA ILE A 3 -2.21 0.85 -1.33
C ILE A 3 -0.73 1.19 -1.24
N GLU A 4 -0.31 2.21 -1.97
CA GLU A 4 1.09 2.59 -2.03
C GLU A 4 1.48 3.43 -0.83
N ASP A 5 2.52 2.99 -0.11
CA ASP A 5 3.06 3.75 1.00
C ASP A 5 3.84 4.97 0.52
N PRO A 6 3.72 6.07 1.25
CA PRO A 6 4.52 7.25 0.98
C PRO A 6 5.98 6.89 0.76
N GLU A 7 6.44 5.86 1.46
CA GLU A 7 7.78 5.34 1.26
C GLU A 7 7.81 4.34 0.11
N ALA A 8 8.41 4.75 -1.01
CA ALA A 8 8.32 3.98 -2.25
C ALA A 8 8.86 2.56 -2.05
N GLY A 9 8.18 1.60 -2.67
CA GLY A 9 8.61 0.21 -2.62
C GLY A 9 7.80 -0.59 -1.60
N HIS A 10 7.11 0.13 -0.72
CA HIS A 10 6.28 -0.51 0.30
C HIS A 10 4.80 -0.34 -0.02
N PHE A 11 4.04 -1.42 0.15
CA PHE A 11 2.61 -1.40 -0.15
C PHE A 11 1.79 -2.04 0.97
N HIS A 12 0.52 -1.68 1.04
CA HIS A 12 -0.38 -2.26 2.04
C HIS A 12 -1.61 -2.86 1.37
N THR A 13 -2.21 -3.85 2.03
CA THR A 13 -3.44 -4.45 1.55
C THR A 13 -4.65 -3.60 1.93
N SER A 14 -5.79 -3.90 1.32
CA SER A 14 -7.04 -3.21 1.64
C SER A 14 -7.47 -3.49 3.07
N SER A 15 -8.09 -2.50 3.70
CA SER A 15 -8.68 -2.69 5.02
C SER A 15 -10.04 -3.38 4.91
N ALA A 16 -10.53 -3.53 3.69
CA ALA A 16 -11.83 -4.15 3.44
C ALA A 16 -11.78 -5.07 2.23
#